data_4OQZ
#
_entry.id   4OQZ
#
_cell.length_a   50.272
_cell.length_b   73.964
_cell.length_c   166.503
_cell.angle_alpha   90.00
_cell.angle_beta   90.00
_cell.angle_gamma   90.00
#
_symmetry.space_group_name_H-M   'I 2 2 2'
#
loop_
_entity.id
_entity.type
_entity.pdbx_description
1 polymer 'Putative oxidoreductase YfjR'
2 water water
#
_entity_poly.entity_id   1
_entity_poly.type   'polypeptide(L)'
_entity_poly.pdbx_seq_one_letter_code
;MSQSVTVIGLGPMGQAMAAAYLDRGYEVTLWNRTASRADALVARGAKLAATPEQALSANELVILSLIDYDAMYGVLEGAE
EAVAGRVLVNLSSDTPEKARAAARRVAELGGTHLTGGVLSPPPGIGSPDMSTFYSGPRAAYDQHRAALEVITGKTDYRGE
DPGLAALMYQLNMVVFWPAMLSYWQAVALADAHGLTAADIAPYVSENFAGMGQFIDFYAARIDAGNHAGDVDRLSMGVAS
MEHVVHTNADSGVDTAFPRAVLDAFHRGADAGFGADSFSSVIKLMKKQP
;
_entity_poly.pdbx_strand_id   A
#
# COMPACT_ATOMS: atom_id res chain seq x y z
N GLN A 3 9.29 24.02 -8.70
CA GLN A 3 8.50 24.58 -9.79
C GLN A 3 7.09 24.98 -9.26
N SER A 4 6.00 24.42 -9.80
CA SER A 4 4.62 24.66 -9.33
C SER A 4 3.86 23.33 -9.43
N VAL A 5 2.89 23.08 -8.51
CA VAL A 5 2.13 21.81 -8.46
C VAL A 5 0.70 21.95 -7.83
N THR A 6 -0.22 21.02 -8.15
CA THR A 6 -1.54 21.00 -7.52
C THR A 6 -1.71 19.73 -6.66
N VAL A 7 -2.32 19.88 -5.45
CA VAL A 7 -2.69 18.78 -4.55
C VAL A 7 -4.21 18.83 -4.30
N ILE A 8 -4.94 17.76 -4.69
CA ILE A 8 -6.38 17.61 -4.46
C ILE A 8 -6.56 16.47 -3.45
N GLY A 9 -7.29 16.74 -2.36
CA GLY A 9 -7.57 15.80 -1.29
C GLY A 9 -6.66 16.09 -0.13
N LEU A 10 -7.18 16.76 0.90
CA LEU A 10 -6.36 17.16 2.03
C LEU A 10 -6.58 16.47 3.36
N GLY A 11 -6.55 15.14 3.30
CA GLY A 11 -6.58 14.27 4.47
C GLY A 11 -5.16 14.28 5.01
N PRO A 12 -4.78 13.49 6.02
CA PRO A 12 -3.40 13.58 6.51
C PRO A 12 -2.33 13.31 5.44
N MET A 13 -2.64 12.43 4.47
CA MET A 13 -1.69 12.12 3.40
C MET A 13 -1.43 13.32 2.47
N GLY A 14 -2.50 13.88 1.90
CA GLY A 14 -2.43 15.06 1.02
C GLY A 14 -1.90 16.32 1.70
N GLN A 15 -2.24 16.54 3.00
CA GLN A 15 -1.74 17.69 3.78
C GLN A 15 -0.22 17.54 3.95
N ALA A 16 0.26 16.29 4.16
CA ALA A 16 1.71 16.09 4.31
C ALA A 16 2.45 16.31 2.97
N MET A 17 1.80 15.93 1.84
CA MET A 17 2.34 16.08 0.47
C MET A 17 2.48 17.58 0.13
N ALA A 18 1.41 18.36 0.29
CA ALA A 18 1.44 19.82 0.10
C ALA A 18 2.53 20.55 0.92
N ALA A 19 2.71 20.18 2.20
CA ALA A 19 3.72 20.77 3.09
C ALA A 19 5.16 20.43 2.59
N ALA A 20 5.38 19.20 2.09
CA ALA A 20 6.65 18.77 1.49
C ALA A 20 6.90 19.61 0.22
N TYR A 21 5.85 19.84 -0.61
CA TYR A 21 5.98 20.71 -1.78
C TYR A 21 6.30 22.15 -1.40
N LEU A 22 5.61 22.72 -0.38
CA LEU A 22 5.88 24.07 0.10
C LEU A 22 7.31 24.19 0.67
N ASP A 23 7.77 23.15 1.40
CA ASP A 23 9.12 23.08 2.00
C ASP A 23 10.22 23.13 0.93
N ARG A 24 9.92 22.61 -0.28
CA ARG A 24 10.85 22.57 -1.40
C ARG A 24 10.75 23.76 -2.36
N GLY A 25 9.95 24.76 -1.99
CA GLY A 25 9.79 26.00 -2.76
C GLY A 25 8.76 25.94 -3.86
N TYR A 26 7.89 24.90 -3.86
CA TYR A 26 6.88 24.79 -4.91
C TYR A 26 5.74 25.75 -4.69
N GLU A 27 5.29 26.38 -5.77
CA GLU A 27 4.12 27.22 -5.81
C GLU A 27 2.97 26.19 -5.70
N VAL A 28 2.25 26.17 -4.57
CA VAL A 28 1.20 25.14 -4.35
C VAL A 28 -0.26 25.64 -4.46
N THR A 29 -1.07 24.96 -5.31
CA THR A 29 -2.51 25.20 -5.50
C THR A 29 -3.24 23.98 -4.92
N LEU A 30 -4.29 24.21 -4.12
CA LEU A 30 -5.01 23.12 -3.46
C LEU A 30 -6.51 23.07 -3.78
N TRP A 31 -7.15 21.98 -3.35
CA TRP A 31 -8.59 21.72 -3.31
C TRP A 31 -8.94 20.58 -2.33
N ASN A 32 -10.04 20.77 -1.57
CA ASN A 32 -10.62 19.79 -0.66
C ASN A 32 -12.11 20.06 -0.51
N ARG A 33 -12.92 18.99 -0.30
CA ARG A 33 -14.37 19.09 -0.10
C ARG A 33 -14.67 19.91 1.17
N THR A 34 -13.80 19.76 2.20
CA THR A 34 -13.88 20.50 3.45
C THR A 34 -12.75 21.53 3.41
N ALA A 35 -13.09 22.83 3.22
CA ALA A 35 -12.14 23.93 3.10
C ALA A 35 -11.27 24.16 4.35
N SER A 36 -11.85 23.94 5.56
CA SER A 36 -11.16 24.11 6.84
C SER A 36 -9.96 23.19 7.05
N ARG A 37 -9.72 22.23 6.13
CA ARG A 37 -8.57 21.34 6.19
C ARG A 37 -7.34 21.94 5.47
N ALA A 38 -7.52 23.01 4.68
CA ALA A 38 -6.47 23.73 3.97
C ALA A 38 -5.94 24.97 4.74
N ASP A 39 -6.57 25.32 5.90
CA ASP A 39 -6.24 26.48 6.74
C ASP A 39 -4.74 26.67 6.96
N ALA A 40 -4.10 25.74 7.67
CA ALA A 40 -2.67 25.79 7.97
C ALA A 40 -1.82 25.94 6.70
N LEU A 41 -2.13 25.16 5.65
CA LEU A 41 -1.45 25.23 4.36
C LEU A 41 -1.55 26.63 3.73
N VAL A 42 -2.77 27.25 3.69
CA VAL A 42 -3.01 28.59 3.15
C VAL A 42 -2.19 29.64 3.93
N ALA A 43 -2.15 29.50 5.27
CA ALA A 43 -1.41 30.41 6.15
C ALA A 43 0.09 30.38 5.83
N ARG A 44 0.59 29.25 5.29
CA ARG A 44 1.98 29.02 4.89
C ARG A 44 2.30 29.52 3.46
N GLY A 45 1.26 29.78 2.68
CA GLY A 45 1.44 30.34 1.35
C GLY A 45 0.81 29.53 0.22
N ALA A 46 0.15 28.40 0.56
CA ALA A 46 -0.54 27.60 -0.44
C ALA A 46 -1.83 28.33 -0.88
N LYS A 47 -2.23 28.15 -2.13
CA LYS A 47 -3.40 28.84 -2.68
C LYS A 47 -4.57 27.87 -2.72
N LEU A 48 -5.68 28.24 -2.10
CA LEU A 48 -6.89 27.42 -2.05
C LEU A 48 -7.72 27.72 -3.29
N ALA A 49 -8.11 26.71 -4.07
CA ALA A 49 -8.97 26.97 -5.24
C ALA A 49 -10.43 26.99 -4.79
N ALA A 50 -11.32 27.67 -5.54
CA ALA A 50 -12.72 27.67 -5.14
C ALA A 50 -13.45 26.43 -5.67
N THR A 51 -12.88 25.78 -6.71
CA THR A 51 -13.43 24.60 -7.36
C THR A 51 -12.32 23.66 -7.85
N PRO A 52 -12.63 22.36 -8.15
CA PRO A 52 -11.63 21.46 -8.73
C PRO A 52 -11.10 21.92 -10.12
N GLU A 53 -11.95 22.58 -10.93
CA GLU A 53 -11.61 23.09 -12.26
C GLU A 53 -10.37 24.00 -12.21
N GLN A 54 -10.41 25.02 -11.32
CA GLN A 54 -9.37 26.02 -11.11
C GLN A 54 -8.12 25.37 -10.53
N ALA A 55 -8.29 24.36 -9.65
CA ALA A 55 -7.18 23.61 -9.07
C ALA A 55 -6.43 22.87 -10.19
N LEU A 56 -7.17 22.21 -11.13
CA LEU A 56 -6.62 21.45 -12.27
C LEU A 56 -5.90 22.31 -13.31
N SER A 57 -6.57 23.36 -13.81
CA SER A 57 -5.99 24.22 -14.83
C SER A 57 -4.81 25.10 -14.39
N ALA A 58 -4.49 25.11 -13.08
CA ALA A 58 -3.39 25.90 -12.53
C ALA A 58 -2.02 25.28 -12.83
N ASN A 59 -1.97 23.93 -13.09
CA ASN A 59 -0.70 23.23 -13.32
C ASN A 59 -0.84 22.00 -14.20
N GLU A 60 0.26 21.64 -14.87
CA GLU A 60 0.37 20.42 -15.69
C GLU A 60 0.41 19.16 -14.78
N LEU A 61 1.09 19.25 -13.60
CA LEU A 61 1.16 18.13 -12.64
C LEU A 61 0.09 18.28 -11.55
N VAL A 62 -0.83 17.30 -11.45
CA VAL A 62 -1.91 17.30 -10.47
C VAL A 62 -1.79 16.03 -9.59
N ILE A 63 -1.59 16.25 -8.28
CA ILE A 63 -1.46 15.19 -7.29
C ILE A 63 -2.81 14.93 -6.65
N LEU A 64 -3.33 13.69 -6.78
CA LEU A 64 -4.61 13.31 -6.19
C LEU A 64 -4.40 12.36 -4.98
N SER A 65 -4.97 12.73 -3.84
CA SER A 65 -4.93 11.93 -2.62
C SER A 65 -6.32 11.91 -2.00
N LEU A 66 -7.23 11.17 -2.66
CA LEU A 66 -8.62 11.02 -2.25
C LEU A 66 -8.84 9.68 -1.55
N ILE A 67 -10.08 9.41 -1.09
CA ILE A 67 -10.43 8.18 -0.37
C ILE A 67 -10.13 6.93 -1.20
N ASP A 68 -10.62 6.92 -2.44
CA ASP A 68 -10.52 5.81 -3.39
C ASP A 68 -10.75 6.34 -4.82
N TYR A 69 -10.83 5.43 -5.84
CA TYR A 69 -11.09 5.84 -7.22
C TYR A 69 -12.54 6.27 -7.42
N ASP A 70 -13.47 5.68 -6.64
CA ASP A 70 -14.90 6.02 -6.70
C ASP A 70 -15.14 7.50 -6.35
N ALA A 71 -14.33 8.07 -5.42
CA ALA A 71 -14.40 9.45 -4.99
C ALA A 71 -13.81 10.41 -6.03
N MET A 72 -12.89 9.91 -6.88
CA MET A 72 -12.20 10.64 -7.94
C MET A 72 -13.16 11.14 -9.04
N TYR A 73 -14.15 10.32 -9.41
CA TYR A 73 -15.15 10.65 -10.45
C TYR A 73 -16.05 11.83 -10.08
N GLY A 74 -16.15 12.12 -8.78
CA GLY A 74 -16.90 13.24 -8.23
C GLY A 74 -16.19 14.56 -8.44
N VAL A 75 -14.85 14.57 -8.21
CA VAL A 75 -14.00 15.76 -8.41
C VAL A 75 -14.07 16.16 -9.90
N LEU A 76 -13.88 15.18 -10.79
CA LEU A 76 -13.89 15.35 -12.24
C LEU A 76 -15.29 15.65 -12.83
N GLU A 77 -16.37 15.44 -12.04
CA GLU A 77 -17.77 15.64 -12.46
C GLU A 77 -18.15 17.10 -12.77
N GLY A 78 -17.68 17.60 -13.92
CA GLY A 78 -17.93 18.96 -14.40
C GLY A 78 -16.66 19.72 -14.72
N ALA A 79 -15.52 19.11 -14.39
CA ALA A 79 -14.16 19.65 -14.60
C ALA A 79 -13.51 19.12 -15.89
N GLU A 80 -14.29 18.31 -16.64
CA GLU A 80 -13.97 17.62 -17.90
C GLU A 80 -12.82 18.21 -18.73
N GLU A 81 -12.99 19.43 -19.26
CA GLU A 81 -12.00 20.14 -20.09
C GLU A 81 -10.66 20.45 -19.40
N ALA A 82 -10.64 20.60 -18.07
CA ALA A 82 -9.39 20.89 -17.37
C ALA A 82 -8.44 19.69 -17.31
N VAL A 83 -8.94 18.49 -17.64
CA VAL A 83 -8.15 17.26 -17.64
C VAL A 83 -7.17 17.21 -18.82
N ALA A 84 -7.55 17.75 -20.02
CA ALA A 84 -6.72 17.74 -21.22
C ALA A 84 -5.30 18.36 -21.07
N GLY A 85 -4.29 17.62 -21.52
CA GLY A 85 -2.88 18.00 -21.45
C GLY A 85 -2.29 18.02 -20.05
N ARG A 86 -2.91 17.29 -19.11
CA ARG A 86 -2.45 17.26 -17.71
C ARG A 86 -2.09 15.86 -17.28
N VAL A 87 -1.10 15.77 -16.38
CA VAL A 87 -0.65 14.52 -15.78
C VAL A 87 -1.28 14.42 -14.41
N LEU A 88 -2.17 13.42 -14.24
CA LEU A 88 -2.90 13.16 -13.00
C LEU A 88 -2.30 11.95 -12.26
N VAL A 89 -1.70 12.21 -11.09
CA VAL A 89 -1.05 11.19 -10.28
C VAL A 89 -2.03 10.79 -9.20
N ASN A 90 -2.62 9.60 -9.37
CA ASN A 90 -3.62 9.12 -8.41
C ASN A 90 -3.01 8.25 -7.34
N LEU A 91 -2.90 8.81 -6.14
CA LEU A 91 -2.29 8.15 -4.99
C LEU A 91 -3.28 7.45 -4.06
N SER A 92 -4.58 7.46 -4.41
CA SER A 92 -5.65 6.80 -3.64
C SER A 92 -5.54 5.28 -3.78
N SER A 93 -5.17 4.60 -2.67
CA SER A 93 -4.99 3.16 -2.58
C SER A 93 -6.29 2.36 -2.75
N ASP A 94 -6.49 1.80 -3.94
CA ASP A 94 -7.66 0.98 -4.26
C ASP A 94 -7.17 -0.21 -5.13
N THR A 95 -8.08 -1.03 -5.64
CA THR A 95 -7.77 -2.23 -6.43
C THR A 95 -7.16 -1.96 -7.81
N PRO A 96 -6.39 -2.94 -8.38
CA PRO A 96 -5.85 -2.78 -9.75
C PRO A 96 -6.92 -2.55 -10.82
N GLU A 97 -8.11 -3.16 -10.66
CA GLU A 97 -9.23 -3.02 -11.60
C GLU A 97 -9.76 -1.58 -11.61
N LYS A 98 -10.01 -0.99 -10.43
CA LYS A 98 -10.46 0.40 -10.30
C LYS A 98 -9.42 1.43 -10.78
N ALA A 99 -8.11 1.11 -10.68
CA ALA A 99 -7.02 1.94 -11.20
C ALA A 99 -7.03 1.91 -12.75
N ARG A 100 -7.30 0.72 -13.37
CA ARG A 100 -7.40 0.56 -14.82
C ARG A 100 -8.61 1.32 -15.36
N ALA A 101 -9.72 1.36 -14.60
CA ALA A 101 -10.94 2.08 -15.04
C ALA A 101 -10.75 3.60 -14.89
N ALA A 102 -9.93 4.03 -13.91
CA ALA A 102 -9.62 5.44 -13.70
C ALA A 102 -8.71 5.98 -14.80
N ALA A 103 -7.64 5.24 -15.16
CA ALA A 103 -6.69 5.58 -16.22
C ALA A 103 -7.37 5.74 -17.57
N ARG A 104 -8.28 4.80 -17.91
CA ARG A 104 -9.05 4.74 -19.14
C ARG A 104 -9.89 6.01 -19.35
N ARG A 105 -10.58 6.46 -18.29
CA ARG A 105 -11.40 7.68 -18.29
C ARG A 105 -10.55 8.95 -18.47
N VAL A 106 -9.39 9.04 -17.80
CA VAL A 106 -8.47 10.19 -17.85
C VAL A 106 -7.88 10.37 -19.28
N ALA A 107 -7.48 9.26 -19.93
CA ALA A 107 -6.93 9.24 -21.29
C ALA A 107 -7.99 9.69 -22.28
N GLU A 108 -9.25 9.28 -22.05
CA GLU A 108 -10.43 9.63 -22.86
C GLU A 108 -10.60 11.16 -22.83
N LEU A 109 -10.32 11.78 -21.66
CA LEU A 109 -10.36 13.21 -21.43
C LEU A 109 -9.09 13.98 -21.88
N GLY A 110 -8.16 13.27 -22.54
CA GLY A 110 -6.94 13.86 -23.07
C GLY A 110 -5.83 14.16 -22.09
N GLY A 111 -5.86 13.47 -20.95
CA GLY A 111 -4.86 13.64 -19.92
C GLY A 111 -4.13 12.33 -19.67
N THR A 112 -3.07 12.34 -18.82
CA THR A 112 -2.37 11.09 -18.53
C THR A 112 -2.49 10.73 -17.05
N HIS A 113 -2.76 9.44 -16.78
CA HIS A 113 -2.92 8.88 -15.44
C HIS A 113 -1.71 8.05 -15.00
N LEU A 114 -1.13 8.43 -13.86
CA LEU A 114 -0.04 7.71 -13.23
C LEU A 114 -0.64 7.12 -11.97
N THR A 115 -0.55 5.80 -11.80
CA THR A 115 -1.06 5.16 -10.58
C THR A 115 0.08 5.12 -9.59
N GLY A 116 -0.22 5.48 -8.34
CA GLY A 116 0.77 5.46 -7.27
C GLY A 116 0.36 4.62 -6.07
N GLY A 117 1.33 3.92 -5.50
CA GLY A 117 1.17 3.16 -4.25
C GLY A 117 2.19 3.61 -3.23
N VAL A 118 1.83 4.61 -2.35
CA VAL A 118 2.71 5.22 -1.33
C VAL A 118 2.95 4.30 -0.12
N LEU A 119 4.18 3.81 0.05
CA LEU A 119 4.53 2.96 1.19
C LEU A 119 5.07 3.87 2.30
N SER A 120 4.19 4.72 2.81
CA SER A 120 4.51 5.69 3.84
C SER A 120 3.33 6.18 4.61
N PRO A 121 3.49 6.29 5.94
CA PRO A 121 2.47 7.00 6.74
C PRO A 121 2.66 8.52 6.47
N PRO A 122 1.72 9.43 6.87
CA PRO A 122 1.94 10.87 6.62
C PRO A 122 3.23 11.51 7.17
N PRO A 123 3.82 11.18 8.36
CA PRO A 123 5.09 11.84 8.75
C PRO A 123 6.31 11.40 7.93
N GLY A 124 6.19 10.29 7.19
CA GLY A 124 7.22 9.76 6.32
C GLY A 124 7.23 10.44 4.96
N ILE A 125 6.17 11.22 4.64
CA ILE A 125 6.05 11.98 3.38
C ILE A 125 7.21 13.00 3.24
N GLY A 126 8.00 12.90 2.15
CA GLY A 126 9.13 13.77 1.87
C GLY A 126 10.47 13.23 2.32
N SER A 127 10.47 12.06 3.01
CA SER A 127 11.67 11.38 3.49
C SER A 127 12.47 10.76 2.32
N PRO A 128 13.84 10.82 2.35
CA PRO A 128 14.64 10.21 1.26
C PRO A 128 14.64 8.68 1.26
N ASP A 129 14.18 8.09 2.36
CA ASP A 129 14.16 6.67 2.63
C ASP A 129 12.87 5.99 2.25
N MET A 130 11.78 6.75 2.07
CA MET A 130 10.49 6.16 1.72
C MET A 130 10.33 5.87 0.23
N SER A 131 9.38 5.00 -0.15
CA SER A 131 9.14 4.57 -1.52
C SER A 131 7.66 4.57 -1.95
N THR A 132 7.45 4.75 -3.26
CA THR A 132 6.14 4.76 -3.91
C THR A 132 6.27 4.01 -5.21
N PHE A 133 5.33 3.10 -5.46
CA PHE A 133 5.26 2.35 -6.70
C PHE A 133 4.47 3.19 -7.68
N TYR A 134 4.93 3.29 -8.92
CA TYR A 134 4.27 4.01 -10.01
C TYR A 134 4.06 3.11 -11.23
N SER A 135 2.87 3.21 -11.83
CA SER A 135 2.56 2.50 -13.04
C SER A 135 1.71 3.39 -13.99
N GLY A 136 1.84 3.15 -15.28
CA GLY A 136 1.17 3.94 -16.31
C GLY A 136 2.14 4.38 -17.38
N PRO A 137 1.82 5.44 -18.16
CA PRO A 137 2.72 5.86 -19.26
C PRO A 137 4.10 6.36 -18.84
N ARG A 138 5.14 5.60 -19.27
CA ARG A 138 6.57 5.82 -18.97
C ARG A 138 7.06 7.26 -19.18
N ALA A 139 6.61 7.92 -20.25
CA ALA A 139 7.00 9.30 -20.59
C ALA A 139 6.59 10.33 -19.53
N ALA A 140 5.36 10.18 -18.96
CA ALA A 140 4.83 11.07 -17.91
C ALA A 140 5.59 10.85 -16.61
N TYR A 141 5.91 9.57 -16.27
CA TYR A 141 6.66 9.19 -15.07
C TYR A 141 8.04 9.84 -15.12
N ASP A 142 8.76 9.63 -16.25
CA ASP A 142 10.09 10.19 -16.50
C ASP A 142 10.14 11.72 -16.41
N GLN A 143 9.14 12.41 -16.99
CA GLN A 143 9.07 13.87 -17.04
C GLN A 143 8.89 14.49 -15.66
N HIS A 144 8.07 13.86 -14.83
CA HIS A 144 7.70 14.37 -13.51
C HIS A 144 8.36 13.66 -12.29
N ARG A 145 9.33 12.73 -12.53
CA ARG A 145 10.02 11.95 -11.49
C ARG A 145 10.58 12.80 -10.31
N ALA A 146 11.30 13.90 -10.61
CA ALA A 146 11.85 14.85 -9.61
C ALA A 146 10.74 15.38 -8.68
N ALA A 147 9.53 15.66 -9.23
CA ALA A 147 8.38 16.12 -8.45
C ALA A 147 7.78 15.01 -7.60
N LEU A 148 7.73 13.77 -8.10
CA LEU A 148 7.22 12.65 -7.32
C LEU A 148 8.19 12.27 -6.20
N GLU A 149 9.50 12.63 -6.36
CA GLU A 149 10.53 12.39 -5.34
C GLU A 149 10.30 13.29 -4.10
N VAL A 150 9.44 14.31 -4.25
CA VAL A 150 9.08 15.21 -3.15
C VAL A 150 8.17 14.42 -2.20
N ILE A 151 7.24 13.61 -2.75
CA ILE A 151 6.32 12.73 -1.99
C ILE A 151 7.14 11.70 -1.18
N THR A 152 7.97 10.88 -1.85
CA THR A 152 8.88 9.90 -1.22
C THR A 152 10.20 9.92 -1.99
N GLY A 153 11.33 9.91 -1.28
CA GLY A 153 12.67 9.97 -1.89
C GLY A 153 12.92 8.92 -2.97
N LYS A 154 12.34 7.71 -2.80
CA LYS A 154 12.42 6.62 -3.75
C LYS A 154 11.08 6.46 -4.47
N THR A 155 11.16 6.21 -5.79
CA THR A 155 10.00 5.98 -6.67
C THR A 155 10.33 4.75 -7.50
N ASP A 156 9.37 3.84 -7.61
CA ASP A 156 9.59 2.55 -8.31
C ASP A 156 8.59 2.30 -9.43
N TYR A 157 8.98 2.62 -10.67
CA TYR A 157 8.16 2.42 -11.86
C TYR A 157 8.07 0.94 -12.23
N ARG A 158 6.86 0.37 -12.11
CA ARG A 158 6.57 -1.06 -12.33
C ARG A 158 6.17 -1.44 -13.73
N GLY A 159 5.58 -0.51 -14.47
CA GLY A 159 5.17 -0.81 -15.83
C GLY A 159 4.09 0.10 -16.38
N GLU A 160 3.75 -0.15 -17.64
CA GLU A 160 2.76 0.61 -18.40
C GLU A 160 1.34 0.37 -17.90
N ASP A 161 1.08 -0.81 -17.32
CA ASP A 161 -0.23 -1.21 -16.81
C ASP A 161 -0.69 -0.39 -15.59
N PRO A 162 -1.85 0.31 -15.73
CA PRO A 162 -2.41 1.08 -14.60
C PRO A 162 -2.61 0.31 -13.30
N GLY A 163 -2.98 -0.96 -13.41
CA GLY A 163 -3.20 -1.83 -12.26
C GLY A 163 -1.96 -2.24 -11.50
N LEU A 164 -0.79 -2.17 -12.15
CA LEU A 164 0.50 -2.60 -11.57
C LEU A 164 0.93 -2.02 -10.22
N ALA A 165 0.92 -0.68 -10.07
CA ALA A 165 1.32 -0.05 -8.79
C ALA A 165 0.30 -0.37 -7.68
N ALA A 166 -0.98 -0.51 -8.06
CA ALA A 166 -2.07 -0.88 -7.15
C ALA A 166 -1.87 -2.31 -6.69
N LEU A 167 -1.50 -3.23 -7.61
CA LEU A 167 -1.22 -4.63 -7.32
C LEU A 167 -0.11 -4.68 -6.29
N MET A 168 1.05 -4.04 -6.58
CA MET A 168 2.21 -3.96 -5.67
C MET A 168 1.82 -3.42 -4.30
N TYR A 169 0.94 -2.38 -4.31
CA TYR A 169 0.42 -1.84 -3.07
C TYR A 169 -0.35 -2.93 -2.27
N GLN A 170 -1.26 -3.69 -2.94
CA GLN A 170 -2.02 -4.77 -2.29
C GLN A 170 -1.12 -5.89 -1.78
N LEU A 171 -0.06 -6.22 -2.54
CA LEU A 171 0.92 -7.26 -2.23
C LEU A 171 1.60 -6.90 -0.93
N ASN A 172 1.88 -5.60 -0.73
CA ASN A 172 2.44 -5.10 0.51
C ASN A 172 1.44 -5.27 1.70
N MET A 173 0.17 -4.90 1.49
CA MET A 173 -0.86 -4.95 2.54
C MET A 173 -1.24 -6.39 2.90
N VAL A 174 -1.12 -7.33 1.94
CA VAL A 174 -1.30 -8.78 2.10
C VAL A 174 -0.38 -9.31 3.20
N VAL A 175 0.81 -8.74 3.29
CA VAL A 175 1.83 -9.10 4.22
C VAL A 175 1.73 -8.28 5.51
N PHE A 176 1.64 -6.95 5.39
CA PHE A 176 1.61 -6.03 6.54
C PHE A 176 0.49 -6.29 7.56
N TRP A 177 -0.74 -6.28 7.11
CA TRP A 177 -1.92 -6.46 8.00
C TRP A 177 -1.86 -7.74 8.79
N PRO A 178 -1.61 -8.93 8.17
CA PRO A 178 -1.46 -10.18 8.96
C PRO A 178 -0.23 -10.17 9.83
N ALA A 179 0.90 -9.60 9.38
CA ALA A 179 2.09 -9.53 10.21
C ALA A 179 1.77 -8.77 11.49
N MET A 180 1.12 -7.60 11.34
CA MET A 180 0.72 -6.81 12.51
C MET A 180 -0.30 -7.50 13.37
N LEU A 181 -1.25 -8.23 12.75
CA LEU A 181 -2.26 -9.01 13.44
C LEU A 181 -1.64 -10.17 14.22
N SER A 182 -0.55 -10.82 13.67
CA SER A 182 0.15 -11.90 14.35
C SER A 182 0.84 -11.34 15.58
N TYR A 183 1.32 -10.09 15.47
CA TYR A 183 1.89 -9.38 16.62
C TYR A 183 0.78 -9.11 17.66
N TRP A 184 -0.44 -8.73 17.22
CA TRP A 184 -1.53 -8.47 18.20
C TRP A 184 -1.86 -9.79 18.88
N GLN A 185 -1.80 -10.92 18.13
CA GLN A 185 -2.00 -12.24 18.70
C GLN A 185 -0.91 -12.66 19.73
N ALA A 186 0.35 -12.30 19.46
CA ALA A 186 1.52 -12.58 20.30
C ALA A 186 1.39 -11.79 21.60
N VAL A 187 1.07 -10.50 21.48
CA VAL A 187 0.84 -9.58 22.65
C VAL A 187 -0.22 -10.15 23.56
N ALA A 188 -1.36 -10.58 22.98
CA ALA A 188 -2.48 -11.16 23.74
C ALA A 188 -2.09 -12.44 24.47
N LEU A 189 -1.32 -13.34 23.83
CA LEU A 189 -0.91 -14.60 24.50
C LEU A 189 0.10 -14.37 25.62
N ALA A 190 1.15 -13.58 25.35
CA ALA A 190 2.20 -13.22 26.28
C ALA A 190 1.64 -12.48 27.50
N ASP A 191 0.49 -11.78 27.33
CA ASP A 191 -0.18 -11.05 28.42
C ASP A 191 -0.68 -12.03 29.47
N ALA A 192 -1.41 -13.09 29.06
CA ALA A 192 -1.94 -14.14 29.94
C ALA A 192 -0.81 -14.89 30.69
N HIS A 193 0.46 -14.48 30.43
CA HIS A 193 1.67 -15.06 31.03
C HIS A 193 2.66 -14.07 31.68
N GLY A 194 2.18 -12.87 32.02
CA GLY A 194 2.96 -11.85 32.69
C GLY A 194 3.96 -11.07 31.87
N LEU A 195 3.93 -11.23 30.53
CA LEU A 195 4.84 -10.54 29.61
C LEU A 195 4.18 -9.36 28.91
N THR A 196 4.93 -8.27 28.76
CA THR A 196 4.47 -7.04 28.11
C THR A 196 4.78 -7.09 26.60
N ALA A 197 4.27 -6.12 25.84
CA ALA A 197 4.49 -6.01 24.41
C ALA A 197 5.98 -5.69 24.12
N ALA A 198 6.61 -4.82 24.95
CA ALA A 198 8.01 -4.43 24.82
C ALA A 198 8.96 -5.57 25.20
N ASP A 199 8.46 -6.56 25.96
CA ASP A 199 9.19 -7.72 26.41
C ASP A 199 9.41 -8.65 25.20
N ILE A 200 8.36 -8.84 24.41
CA ILE A 200 8.35 -9.70 23.22
C ILE A 200 8.75 -8.93 21.96
N ALA A 201 8.68 -7.58 21.99
CA ALA A 201 9.09 -6.78 20.82
C ALA A 201 10.45 -7.18 20.19
N PRO A 202 11.55 -7.36 20.96
CA PRO A 202 12.83 -7.73 20.33
C PRO A 202 12.76 -9.08 19.59
N TYR A 203 12.07 -10.06 20.18
CA TYR A 203 11.90 -11.39 19.61
C TYR A 203 11.11 -11.38 18.31
N VAL A 204 10.03 -10.60 18.27
CA VAL A 204 9.13 -10.50 17.13
C VAL A 204 9.82 -9.79 15.99
N SER A 205 10.52 -8.68 16.30
CA SER A 205 11.33 -7.91 15.33
C SER A 205 12.39 -8.78 14.67
N GLU A 206 13.12 -9.57 15.48
CA GLU A 206 14.18 -10.51 15.06
C GLU A 206 13.60 -11.59 14.19
N ASN A 207 12.40 -12.10 14.55
CA ASN A 207 11.71 -13.10 13.77
C ASN A 207 11.41 -12.53 12.34
N PHE A 208 10.83 -11.33 12.26
CA PHE A 208 10.52 -10.71 10.97
C PHE A 208 11.76 -10.38 10.18
N ALA A 209 12.82 -9.90 10.87
CA ALA A 209 14.12 -9.59 10.26
C ALA A 209 14.76 -10.83 9.59
N GLY A 210 14.59 -12.01 10.18
CA GLY A 210 15.14 -13.24 9.62
C GLY A 210 14.24 -13.95 8.62
N MET A 211 13.05 -13.38 8.33
CA MET A 211 12.07 -14.00 7.40
C MET A 211 12.57 -14.04 5.94
N GLY A 212 13.24 -12.98 5.49
CA GLY A 212 13.79 -12.87 4.14
C GLY A 212 14.64 -14.05 3.66
N GLN A 213 15.35 -14.70 4.60
CA GLN A 213 16.17 -15.89 4.34
C GLN A 213 15.25 -17.01 3.85
N PHE A 214 14.09 -17.18 4.54
CA PHE A 214 13.06 -18.18 4.22
C PHE A 214 12.35 -17.85 2.92
N ILE A 215 11.94 -16.57 2.73
CA ILE A 215 11.28 -16.23 1.47
C ILE A 215 12.16 -16.47 0.20
N ASP A 216 13.48 -16.20 0.29
CA ASP A 216 14.43 -16.40 -0.82
C ASP A 216 14.61 -17.87 -1.11
N PHE A 217 14.72 -18.70 -0.05
CA PHE A 217 14.85 -20.14 -0.10
C PHE A 217 13.60 -20.72 -0.75
N TYR A 218 12.42 -20.26 -0.30
CA TYR A 218 11.18 -20.75 -0.88
C TYR A 218 10.83 -20.22 -2.26
N ALA A 219 11.17 -18.96 -2.59
CA ALA A 219 10.91 -18.36 -3.90
C ALA A 219 11.46 -19.19 -5.03
N ALA A 220 12.74 -19.65 -4.90
CA ALA A 220 13.45 -20.43 -5.90
C ALA A 220 12.78 -21.78 -6.16
N ARG A 221 12.27 -22.43 -5.10
CA ARG A 221 11.63 -23.73 -5.18
C ARG A 221 10.24 -23.64 -5.81
N ILE A 222 9.44 -22.58 -5.48
CA ILE A 222 8.08 -22.37 -6.03
C ILE A 222 8.17 -22.13 -7.55
N ASP A 223 9.06 -21.20 -7.95
CA ASP A 223 9.24 -20.83 -9.35
C ASP A 223 9.68 -21.98 -10.22
N ALA A 224 10.32 -23.00 -9.62
CA ALA A 224 10.78 -24.22 -10.31
C ALA A 224 9.70 -25.32 -10.28
N GLY A 225 8.79 -25.22 -9.31
CA GLY A 225 7.67 -26.15 -9.13
C GLY A 225 7.96 -27.24 -8.12
N ASN A 226 8.94 -26.99 -7.24
CA ASN A 226 9.42 -27.88 -6.21
C ASN A 226 8.73 -27.57 -4.88
N HIS A 227 7.97 -28.54 -4.33
CA HIS A 227 7.26 -28.42 -3.05
C HIS A 227 7.55 -29.71 -2.26
N ALA A 228 8.84 -30.07 -2.13
CA ALA A 228 9.36 -31.34 -1.60
C ALA A 228 8.98 -31.85 -0.19
N GLY A 229 9.98 -32.14 0.62
CA GLY A 229 9.84 -32.69 1.97
C GLY A 229 11.23 -32.71 2.56
N ASP A 230 12.20 -32.30 1.70
CA ASP A 230 13.63 -32.19 1.89
C ASP A 230 13.97 -31.52 3.22
N VAL A 231 13.49 -30.28 3.43
CA VAL A 231 13.73 -29.54 4.68
C VAL A 231 12.48 -29.47 5.56
N ASP A 232 11.28 -29.56 4.98
CA ASP A 232 10.06 -29.48 5.79
C ASP A 232 8.90 -30.35 5.28
N ARG A 233 7.99 -30.71 6.20
CA ARG A 233 6.77 -31.47 5.91
C ARG A 233 5.52 -30.70 6.41
N LEU A 234 4.47 -30.59 5.56
CA LEU A 234 3.20 -29.88 5.86
C LEU A 234 2.51 -30.37 7.14
N SER A 235 2.56 -31.69 7.37
CA SER A 235 1.98 -32.40 8.53
C SER A 235 2.57 -31.89 9.85
N MET A 236 3.88 -31.54 9.85
CA MET A 236 4.55 -30.99 11.02
C MET A 236 4.12 -29.53 11.24
N GLY A 237 3.81 -28.83 10.15
CA GLY A 237 3.30 -27.46 10.16
C GLY A 237 1.93 -27.43 10.77
N VAL A 238 1.07 -28.38 10.34
CA VAL A 238 -0.29 -28.59 10.86
C VAL A 238 -0.21 -28.82 12.37
N ALA A 239 0.70 -29.71 12.82
CA ALA A 239 0.88 -30.07 14.24
C ALA A 239 1.42 -28.91 15.05
N SER A 240 2.29 -28.08 14.45
CA SER A 240 2.87 -26.93 15.11
C SER A 240 1.75 -25.90 15.31
N MET A 241 0.92 -25.70 14.28
CA MET A 241 -0.22 -24.78 14.38
C MET A 241 -1.28 -25.26 15.38
N GLU A 242 -1.43 -26.60 15.56
CA GLU A 242 -2.37 -27.18 16.54
C GLU A 242 -1.91 -26.78 17.94
N HIS A 243 -0.59 -26.80 18.19
CA HIS A 243 0.04 -26.40 19.45
C HIS A 243 -0.15 -24.91 19.74
N VAL A 244 0.01 -24.04 18.69
CA VAL A 244 -0.23 -22.58 18.77
C VAL A 244 -1.71 -22.39 19.18
N VAL A 245 -2.65 -23.07 18.49
CA VAL A 245 -4.10 -23.05 18.81
C VAL A 245 -4.35 -23.52 20.25
N HIS A 246 -3.67 -24.60 20.69
CA HIS A 246 -3.89 -25.12 22.05
C HIS A 246 -3.40 -24.19 23.14
N THR A 247 -2.19 -23.63 22.98
CA THR A 247 -1.54 -22.68 23.90
C THR A 247 -2.44 -21.46 24.15
N ASN A 248 -3.05 -20.92 23.09
CA ASN A 248 -3.93 -19.76 23.15
C ASN A 248 -5.24 -20.14 23.82
N ALA A 249 -5.78 -21.33 23.48
CA ALA A 249 -7.03 -21.85 24.06
C ALA A 249 -6.86 -22.16 25.55
N ASP A 250 -5.66 -22.64 25.96
CA ASP A 250 -5.34 -22.97 27.35
C ASP A 250 -5.28 -21.72 28.23
N SER A 251 -4.80 -20.60 27.67
CA SER A 251 -4.63 -19.31 28.33
C SER A 251 -5.89 -18.45 28.33
N GLY A 252 -6.96 -18.93 27.68
CA GLY A 252 -8.22 -18.22 27.56
C GLY A 252 -8.20 -17.18 26.44
N VAL A 253 -7.05 -17.07 25.73
CA VAL A 253 -6.83 -16.14 24.62
C VAL A 253 -7.62 -16.61 23.39
N ASP A 254 -8.11 -15.67 22.58
CA ASP A 254 -8.86 -15.90 21.34
C ASP A 254 -8.01 -16.68 20.31
N THR A 255 -8.58 -17.78 19.76
CA THR A 255 -7.93 -18.65 18.76
C THR A 255 -8.38 -18.42 17.31
N ALA A 256 -9.14 -17.33 17.02
CA ALA A 256 -9.64 -17.04 15.67
C ALA A 256 -8.55 -16.88 14.59
N PHE A 257 -7.55 -16.02 14.81
CA PHE A 257 -6.42 -15.84 13.87
C PHE A 257 -5.57 -17.12 13.76
N PRO A 258 -5.12 -17.79 14.86
CA PRO A 258 -4.35 -19.02 14.70
C PRO A 258 -5.15 -20.17 14.10
N ARG A 259 -6.48 -20.28 14.34
CA ARG A 259 -7.17 -21.39 13.70
C ARG A 259 -7.31 -21.18 12.21
N ALA A 260 -7.48 -19.92 11.78
CA ALA A 260 -7.54 -19.55 10.36
C ALA A 260 -6.28 -20.01 9.62
N VAL A 261 -5.10 -19.87 10.26
CA VAL A 261 -3.79 -20.32 9.74
C VAL A 261 -3.76 -21.86 9.74
N LEU A 262 -4.15 -22.49 10.88
CA LEU A 262 -4.25 -23.95 11.02
C LEU A 262 -5.17 -24.52 9.94
N ASP A 263 -6.33 -23.86 9.70
CA ASP A 263 -7.33 -24.28 8.70
C ASP A 263 -6.72 -24.40 7.32
N ALA A 264 -5.85 -23.44 6.92
CA ALA A 264 -5.15 -23.46 5.63
C ALA A 264 -4.14 -24.61 5.53
N PHE A 265 -3.48 -24.99 6.64
CA PHE A 265 -2.53 -26.09 6.70
C PHE A 265 -3.23 -27.44 6.70
N HIS A 266 -4.29 -27.60 7.54
CA HIS A 266 -5.11 -28.83 7.65
C HIS A 266 -5.74 -29.10 6.29
N ARG A 267 -6.33 -28.05 5.67
CA ARG A 267 -6.82 -28.06 4.29
C ARG A 267 -5.50 -27.97 3.54
N GLY A 268 -5.23 -28.88 2.66
CA GLY A 268 -3.93 -28.90 2.01
C GLY A 268 -3.31 -30.26 2.25
N ALA A 269 -3.36 -30.75 3.51
CA ALA A 269 -2.91 -32.08 3.89
C ALA A 269 -3.85 -33.10 3.21
N ASP A 270 -5.03 -32.59 2.80
CA ASP A 270 -6.10 -33.28 2.09
C ASP A 270 -5.80 -33.35 0.57
N ALA A 271 -4.53 -33.09 0.17
CA ALA A 271 -4.09 -33.15 -1.22
C ALA A 271 -2.93 -34.14 -1.44
N GLY A 274 -0.64 -31.31 -0.15
CA GLY A 274 -0.40 -32.60 0.48
C GLY A 274 0.76 -32.57 1.45
N ALA A 275 0.94 -33.63 2.28
CA ALA A 275 2.07 -33.68 3.23
C ALA A 275 3.45 -33.84 2.53
N ASP A 276 3.71 -32.84 1.69
CA ASP A 276 4.94 -32.52 0.99
C ASP A 276 5.41 -31.27 1.78
N SER A 277 5.82 -30.17 1.13
CA SER A 277 6.24 -28.97 1.84
C SER A 277 5.03 -28.14 2.20
N PHE A 278 5.14 -27.37 3.30
CA PHE A 278 4.07 -26.45 3.70
C PHE A 278 3.79 -25.37 2.61
N SER A 279 4.69 -25.23 1.65
CA SER A 279 4.56 -24.37 0.47
C SER A 279 3.46 -24.94 -0.47
N SER A 280 3.21 -26.26 -0.41
CA SER A 280 2.22 -26.91 -1.28
C SER A 280 0.84 -26.26 -1.25
N VAL A 281 0.47 -25.55 -0.17
CA VAL A 281 -0.84 -24.91 -0.13
C VAL A 281 -1.05 -23.85 -1.22
N ILE A 282 0.03 -23.25 -1.76
CA ILE A 282 -0.05 -22.25 -2.86
C ILE A 282 -0.92 -22.77 -4.02
N LYS A 283 -0.72 -24.05 -4.44
CA LYS A 283 -1.48 -24.66 -5.53
C LYS A 283 -3.00 -24.73 -5.29
N LEU A 284 -3.44 -24.55 -4.02
CA LEU A 284 -4.85 -24.46 -3.66
C LEU A 284 -5.32 -23.01 -3.65
N MET A 285 -4.38 -22.04 -3.50
CA MET A 285 -4.71 -20.61 -3.46
C MET A 285 -4.80 -19.95 -4.82
N LYS A 286 -3.96 -20.36 -5.79
CA LYS A 286 -3.93 -19.81 -7.16
C LYS A 286 -5.25 -19.96 -7.90
N LYS A 287 -5.50 -19.13 -8.94
CA LYS A 287 -6.71 -19.22 -9.77
C LYS A 287 -6.63 -20.49 -10.62
#